data_4D5V
#
_entry.id   4D5V
#
_cell.length_a   83.210
_cell.length_b   83.360
_cell.length_c   110.690
_cell.angle_alpha   90.00
_cell.angle_beta   90.00
_cell.angle_gamma   90.00
#
_symmetry.space_group_name_H-M   'I 2 2 2'
#
loop_
_entity.id
_entity.type
_entity.pdbx_description
1 polymer 'CELLULOSE 1,4-BETA-CELLOBIOSIDASE'
2 branched beta-D-xylopyranose-(1-4)-beta-D-xylopyranose-(1-4)-beta-D-xylopyranose-(1-4)-beta-D-xylopyranose
3 branched beta-D-xylopyranose-(1-4)-D-xylose
4 non-polymer 'COBALT (II) ION'
5 non-polymer 2-acetamido-2-deoxy-beta-D-glucopyranose
6 water water
#
_entity_poly.entity_id   1
_entity_poly.type   'polypeptide(L)'
_entity_poly.pdbx_seq_one_letter_code
;(PCA)SACTLQSETHPPLTWQKCSSGGTCTQQTGSVVIDANWRWTHATNSSTNCYDGNTWSSTLCPDNETCAKNCCLDGA
AYASTYGVTTSGNSLSIDFVTQSAQKNVGARLYLMASDTTYQEFTLLGNEFSFDVDVSQLPCGLNGALYFVSMDADGGVS
KYPTNTAGAKYGTGYCDSQCPRDLKFINGQANVEGWEPSSNNANTGIGGHGSCCSEMDIWQANSISEALTPHPCTTVGQE
ICEGDGCGGTYSDNRYGGTCDPDGCDWNPYRLGNTSFYGPGSSFTLDTTKKLTVVTQFETSGAINRYYVQNGVTFQQPNA
ELGSYSGNELNDDYCTAEEAEFGGSSFSDKGGLTQFKKATSGGMVLVMSLWDDYYANMLWLDSTYPTNETSSTPGAVRGS
CSTSSGVPAQVESQSPNAKVTFSNIKFGPIGSTGNPSG
;
_entity_poly.pdbx_strand_id   A
#
loop_
_chem_comp.id
_chem_comp.type
_chem_comp.name
_chem_comp.formula
CO non-polymer 'COBALT (II) ION' 'Co 2'
NAG D-saccharide, beta linking 2-acetamido-2-deoxy-beta-D-glucopyranose 'C8 H15 N O6'
XLS D-saccharide D-xylose 'C5 H10 O5'
XYP D-saccharide, beta linking beta-D-xylopyranose 'C5 H10 O5'
#
# COMPACT_ATOMS: atom_id res chain seq x y z
N PCA A 1 1.91 -9.91 -19.75
CA PCA A 1 0.72 -10.72 -19.94
CB PCA A 1 0.12 -10.80 -18.52
CG PCA A 1 0.69 -9.62 -17.75
CD PCA A 1 1.85 -9.20 -18.63
OE PCA A 1 2.63 -8.33 -18.33
C PCA A 1 -0.33 -10.03 -20.77
O PCA A 1 -0.35 -8.80 -20.85
N SER A 2 -1.19 -10.82 -21.39
CA SER A 2 -2.38 -10.28 -22.05
C SER A 2 -3.58 -10.34 -21.09
N ALA A 3 -4.74 -9.90 -21.57
CA ALA A 3 -5.97 -9.98 -20.81
C ALA A 3 -6.88 -11.00 -21.48
N CYS A 4 -7.59 -11.77 -20.66
CA CYS A 4 -8.63 -12.70 -21.12
C CYS A 4 -9.97 -12.28 -20.52
N THR A 5 -11.06 -12.86 -21.01
CA THR A 5 -12.40 -12.40 -20.66
C THR A 5 -13.36 -13.55 -20.34
N LEU A 6 -12.84 -14.63 -19.79
CA LEU A 6 -13.70 -15.66 -19.23
C LEU A 6 -14.50 -15.10 -18.04
N GLN A 7 -13.95 -14.08 -17.37
CA GLN A 7 -14.71 -13.35 -16.32
CA GLN A 7 -14.64 -13.37 -16.28
C GLN A 7 -14.66 -11.87 -16.63
N SER A 8 -15.83 -11.24 -16.59
CA SER A 8 -15.89 -9.83 -16.97
C SER A 8 -15.18 -8.96 -15.93
N GLU A 9 -14.67 -7.83 -16.39
CA GLU A 9 -13.97 -6.88 -15.51
C GLU A 9 -14.74 -5.57 -15.48
N THR A 10 -15.41 -5.33 -14.36
CA THR A 10 -16.19 -4.10 -14.15
C THR A 10 -15.62 -3.49 -12.90
N HIS A 11 -14.94 -2.36 -13.06
CA HIS A 11 -14.35 -1.69 -11.89
C HIS A 11 -15.41 -1.02 -11.02
N PRO A 12 -15.43 -1.32 -9.71
CA PRO A 12 -16.40 -0.63 -8.86
C PRO A 12 -16.15 0.87 -8.93
N PRO A 13 -17.20 1.68 -9.19
CA PRO A 13 -17.04 3.14 -9.23
CA PRO A 13 -16.97 3.12 -9.24
C PRO A 13 -16.66 3.74 -7.88
N LEU A 14 -15.98 4.87 -7.90
CA LEU A 14 -15.68 5.57 -6.66
C LEU A 14 -15.55 7.03 -7.02
N THR A 15 -16.28 7.89 -6.31
CA THR A 15 -16.14 9.33 -6.52
C THR A 15 -15.20 9.92 -5.49
N TRP A 16 -14.65 11.08 -5.83
CA TRP A 16 -13.78 11.81 -4.91
C TRP A 16 -13.88 13.28 -5.25
N GLN A 17 -13.41 14.15 -4.37
CA GLN A 17 -13.54 15.60 -4.62
C GLN A 17 -12.19 16.23 -4.99
N LYS A 18 -12.19 17.06 -6.03
CA LYS A 18 -11.04 17.88 -6.36
CA LYS A 18 -11.04 17.88 -6.37
C LYS A 18 -11.38 19.30 -5.95
N CYS A 19 -10.57 19.88 -5.08
CA CYS A 19 -10.84 21.22 -4.54
C CYS A 19 -9.87 22.25 -5.08
N SER A 20 -10.30 23.51 -5.08
CA SER A 20 -9.53 24.60 -5.65
C SER A 20 -9.16 25.64 -4.59
N SER A 21 -8.11 26.40 -4.86
CA SER A 21 -7.69 27.43 -3.91
C SER A 21 -8.81 28.45 -3.69
N GLY A 22 -9.70 28.60 -4.67
CA GLY A 22 -10.80 29.57 -4.60
C GLY A 22 -11.93 29.17 -3.68
N GLY A 23 -11.86 27.96 -3.11
CA GLY A 23 -12.76 27.58 -2.04
C GLY A 23 -13.89 26.63 -2.40
N THR A 24 -13.93 26.17 -3.65
CA THR A 24 -14.95 25.20 -4.06
C THR A 24 -14.33 23.84 -4.34
N CYS A 25 -15.16 22.81 -4.24
CA CYS A 25 -14.73 21.44 -4.55
C CYS A 25 -15.72 20.91 -5.57
N THR A 26 -15.21 20.10 -6.50
CA THR A 26 -16.10 19.46 -7.46
CA THR A 26 -16.03 19.49 -7.57
C THR A 26 -15.88 17.97 -7.55
N GLN A 27 -16.99 17.25 -7.68
CA GLN A 27 -16.94 15.81 -7.70
C GLN A 27 -16.30 15.27 -8.98
N GLN A 28 -15.44 14.28 -8.78
CA GLN A 28 -14.77 13.55 -9.85
C GLN A 28 -15.27 12.13 -9.81
N THR A 29 -15.41 11.50 -10.97
CA THR A 29 -15.88 10.11 -10.96
C THR A 29 -14.76 9.20 -11.46
N GLY A 30 -14.31 8.31 -10.56
CA GLY A 30 -13.32 7.31 -10.88
C GLY A 30 -13.84 5.90 -10.65
N SER A 31 -12.92 4.97 -10.47
CA SER A 31 -13.26 3.59 -10.12
C SER A 31 -12.03 2.97 -9.49
N VAL A 32 -12.17 1.75 -8.99
CA VAL A 32 -11.01 1.02 -8.47
C VAL A 32 -10.76 -0.28 -9.20
N VAL A 33 -9.49 -0.64 -9.29
CA VAL A 33 -9.08 -1.89 -9.95
C VAL A 33 -8.18 -2.69 -9.01
N ILE A 34 -8.40 -4.01 -8.98
CA ILE A 34 -7.57 -4.90 -8.17
C ILE A 34 -6.24 -5.25 -8.86
N ASP A 35 -5.19 -5.30 -8.07
CA ASP A 35 -3.87 -5.63 -8.53
C ASP A 35 -3.83 -7.02 -9.18
N ALA A 36 -3.07 -7.11 -10.26
CA ALA A 36 -2.92 -8.33 -11.04
C ALA A 36 -2.56 -9.59 -10.25
N ASN A 37 -1.81 -9.43 -9.15
CA ASN A 37 -1.41 -10.58 -8.33
C ASN A 37 -2.57 -11.33 -7.71
N TRP A 38 -3.70 -10.63 -7.53
CA TRP A 38 -4.90 -11.28 -6.97
C TRP A 38 -5.69 -12.09 -8.01
N ARG A 39 -5.39 -11.87 -9.29
CA ARG A 39 -6.18 -12.42 -10.37
C ARG A 39 -5.87 -13.85 -10.73
N TRP A 40 -6.80 -14.46 -11.42
CA TRP A 40 -6.56 -15.73 -12.09
C TRP A 40 -5.64 -15.51 -13.27
N THR A 41 -4.54 -16.27 -13.32
CA THR A 41 -3.64 -16.23 -14.45
C THR A 41 -3.72 -17.57 -15.17
N HIS A 42 -4.15 -17.56 -16.42
CA HIS A 42 -4.38 -18.82 -17.17
C HIS A 42 -3.89 -18.73 -18.62
N ALA A 43 -3.81 -19.88 -19.29
CA ALA A 43 -3.39 -19.93 -20.68
C ALA A 43 -4.35 -19.12 -21.57
N THR A 44 -3.82 -18.46 -22.59
CA THR A 44 -4.66 -17.58 -23.40
C THR A 44 -5.79 -18.33 -24.13
N ASN A 45 -5.58 -19.62 -24.38
CA ASN A 45 -6.40 -20.49 -25.22
CA ASN A 45 -6.55 -20.35 -25.19
C ASN A 45 -7.28 -21.48 -24.47
N SER A 46 -7.15 -21.52 -23.15
CA SER A 46 -7.91 -22.49 -22.34
C SER A 46 -8.08 -21.95 -20.93
N SER A 47 -8.64 -22.77 -20.04
CA SER A 47 -8.80 -22.41 -18.63
CA SER A 47 -8.78 -22.38 -18.64
C SER A 47 -7.69 -22.99 -17.75
N THR A 48 -6.65 -23.54 -18.37
CA THR A 48 -5.54 -24.14 -17.65
C THR A 48 -4.75 -23.02 -16.94
N ASN A 49 -4.56 -23.16 -15.62
CA ASN A 49 -3.81 -22.17 -14.83
C ASN A 49 -2.35 -22.11 -15.26
N CYS A 50 -1.83 -20.88 -15.36
CA CYS A 50 -0.39 -20.66 -15.48
C CYS A 50 0.27 -20.62 -14.11
N TYR A 51 -0.51 -20.21 -13.12
CA TYR A 51 -0.04 -20.14 -11.74
C TYR A 51 -1.12 -20.77 -10.91
N ASP A 52 -0.73 -21.62 -9.97
CA ASP A 52 -1.68 -22.33 -9.15
C ASP A 52 -1.10 -22.55 -7.76
N GLY A 53 -1.84 -22.17 -6.73
CA GLY A 53 -1.33 -22.20 -5.37
C GLY A 53 -0.15 -21.26 -5.28
N ASN A 54 1.06 -21.80 -5.13
CA ASN A 54 2.23 -20.94 -5.12
C ASN A 54 3.32 -21.37 -6.07
N THR A 55 2.93 -22.09 -7.12
CA THR A 55 3.90 -22.49 -8.13
CA THR A 55 3.89 -22.54 -8.13
C THR A 55 3.35 -22.29 -9.54
N TRP A 56 4.26 -22.22 -10.48
CA TRP A 56 3.91 -21.95 -11.86
C TRP A 56 3.83 -23.26 -12.66
N SER A 57 3.03 -23.24 -13.72
CA SER A 57 3.05 -24.33 -14.71
C SER A 57 4.42 -24.37 -15.39
N SER A 58 5.12 -25.51 -15.24
CA SER A 58 6.47 -25.63 -15.79
C SER A 58 6.44 -25.74 -17.31
N THR A 59 5.27 -26.11 -17.85
CA THR A 59 5.11 -26.20 -19.32
C THR A 59 4.66 -24.89 -19.97
N LEU A 60 3.67 -24.23 -19.37
CA LEU A 60 3.23 -22.94 -19.90
C LEU A 60 4.28 -21.86 -19.62
N CYS A 61 5.00 -22.01 -18.52
CA CYS A 61 5.91 -20.98 -18.02
C CYS A 61 7.33 -21.50 -17.76
N PRO A 62 8.03 -21.94 -18.83
CA PRO A 62 9.40 -22.42 -18.67
C PRO A 62 10.44 -21.33 -18.48
N ASP A 63 10.10 -20.10 -18.86
CA ASP A 63 10.95 -18.94 -18.66
C ASP A 63 10.02 -17.72 -18.66
N ASN A 64 10.55 -16.56 -18.31
CA ASN A 64 9.70 -15.38 -18.14
C ASN A 64 9.03 -14.90 -19.39
N GLU A 65 9.72 -15.00 -20.53
CA GLU A 65 9.16 -14.51 -21.80
CA GLU A 65 9.18 -14.52 -21.81
C GLU A 65 8.06 -15.42 -22.34
N THR A 66 8.31 -16.74 -22.34
CA THR A 66 7.37 -17.71 -22.86
C THR A 66 6.10 -17.68 -22.00
N CYS A 67 6.29 -17.51 -20.70
CA CYS A 67 5.17 -17.45 -19.77
C CYS A 67 4.24 -16.28 -20.12
N ALA A 68 4.82 -15.09 -20.32
CA ALA A 68 4.05 -13.88 -20.64
C ALA A 68 3.32 -14.00 -21.97
N LYS A 69 3.95 -14.68 -22.93
CA LYS A 69 3.30 -14.96 -24.22
C LYS A 69 2.13 -15.94 -24.10
N ASN A 70 2.31 -16.97 -23.27
CA ASN A 70 1.30 -18.01 -23.12
C ASN A 70 0.14 -17.65 -22.19
N CYS A 71 0.28 -16.61 -21.39
CA CYS A 71 -0.59 -16.43 -20.23
C CYS A 71 -1.31 -15.10 -20.23
N CYS A 72 -2.50 -15.09 -19.65
CA CYS A 72 -3.29 -13.87 -19.49
C CYS A 72 -3.84 -13.73 -18.08
N LEU A 73 -4.15 -12.49 -17.74
CA LEU A 73 -4.89 -12.18 -16.53
C LEU A 73 -6.36 -12.10 -16.90
N ASP A 74 -7.23 -12.54 -15.99
CA ASP A 74 -8.66 -12.47 -16.26
C ASP A 74 -9.39 -11.52 -15.32
N GLY A 75 -10.70 -11.38 -15.51
CA GLY A 75 -11.49 -10.45 -14.72
C GLY A 75 -11.71 -10.90 -13.28
N ALA A 76 -12.17 -9.95 -12.47
CA ALA A 76 -12.34 -10.13 -11.04
C ALA A 76 -13.79 -9.89 -10.66
N ALA A 77 -14.34 -10.83 -9.88
CA ALA A 77 -15.64 -10.63 -9.24
C ALA A 77 -15.40 -9.89 -7.90
N TYR A 78 -15.48 -8.57 -7.95
CA TYR A 78 -15.00 -7.74 -6.83
C TYR A 78 -15.63 -8.07 -5.50
N ALA A 79 -16.96 -8.18 -5.46
CA ALA A 79 -17.61 -8.48 -4.17
C ALA A 79 -17.54 -9.95 -3.79
N SER A 80 -17.92 -10.84 -4.71
CA SER A 80 -18.08 -12.22 -4.31
CA SER A 80 -18.07 -12.26 -4.40
C SER A 80 -16.74 -12.95 -4.12
N THR A 81 -15.72 -12.59 -4.87
CA THR A 81 -14.42 -13.22 -4.73
C THR A 81 -13.53 -12.43 -3.77
N TYR A 82 -13.52 -11.12 -3.92
CA TYR A 82 -12.51 -10.31 -3.21
C TYR A 82 -13.02 -9.46 -2.03
N GLY A 83 -14.33 -9.47 -1.80
CA GLY A 83 -14.91 -8.69 -0.71
C GLY A 83 -14.67 -7.21 -0.82
N VAL A 84 -14.64 -6.71 -2.05
CA VAL A 84 -14.41 -5.30 -2.34
C VAL A 84 -15.73 -4.70 -2.83
N THR A 85 -16.22 -3.67 -2.14
CA THR A 85 -17.45 -3.00 -2.55
C THR A 85 -17.27 -1.49 -2.47
N THR A 86 -18.05 -0.75 -3.27
CA THR A 86 -18.06 0.69 -3.19
C THR A 86 -19.49 1.19 -3.16
N SER A 87 -19.66 2.41 -2.64
CA SER A 87 -20.95 3.10 -2.70
CA SER A 87 -20.94 3.11 -2.72
C SER A 87 -20.64 4.60 -2.66
N GLY A 88 -20.89 5.30 -3.76
CA GLY A 88 -20.60 6.73 -3.81
C GLY A 88 -19.13 7.02 -3.59
N ASN A 89 -18.81 7.72 -2.49
CA ASN A 89 -17.43 8.05 -2.17
C ASN A 89 -16.77 7.07 -1.20
N SER A 90 -17.40 5.94 -0.96
CA SER A 90 -16.91 4.99 0.04
C SER A 90 -16.45 3.67 -0.57
N LEU A 91 -15.33 3.14 -0.07
CA LEU A 91 -14.79 1.83 -0.47
C LEU A 91 -14.59 0.97 0.75
N SER A 92 -15.08 -0.26 0.71
CA SER A 92 -14.85 -1.22 1.80
C SER A 92 -14.09 -2.42 1.29
N ILE A 93 -13.17 -2.93 2.11
CA ILE A 93 -12.41 -4.15 1.79
C ILE A 93 -12.52 -5.10 2.97
N ASP A 94 -13.06 -6.29 2.71
CA ASP A 94 -13.14 -7.33 3.74
C ASP A 94 -11.83 -8.09 3.81
N PHE A 95 -11.52 -8.65 4.98
CA PHE A 95 -10.25 -9.35 5.18
C PHE A 95 -10.21 -10.73 4.51
N VAL A 96 -11.06 -11.64 4.96
CA VAL A 96 -11.11 -12.99 4.37
C VAL A 96 -12.48 -13.16 3.70
N THR A 97 -12.47 -13.54 2.42
CA THR A 97 -13.70 -13.79 1.66
C THR A 97 -13.68 -15.22 1.17
N GLN A 98 -14.72 -15.97 1.52
CA GLN A 98 -14.83 -17.36 1.11
CA GLN A 98 -14.84 -17.36 1.13
C GLN A 98 -15.77 -17.46 -0.08
N SER A 99 -15.24 -17.95 -1.18
CA SER A 99 -16.04 -18.24 -2.36
C SER A 99 -15.73 -19.71 -2.69
N ALA A 100 -15.47 -20.02 -3.96
CA ALA A 100 -14.94 -21.34 -4.33
C ALA A 100 -13.63 -21.58 -3.62
N GLN A 101 -12.89 -20.49 -3.37
CA GLN A 101 -11.58 -20.51 -2.70
CA GLN A 101 -11.65 -20.60 -2.61
C GLN A 101 -11.58 -19.43 -1.62
N LYS A 102 -10.58 -19.46 -0.76
CA LYS A 102 -10.40 -18.40 0.24
C LYS A 102 -9.57 -17.28 -0.36
N ASN A 103 -10.01 -16.03 -0.22
CA ASN A 103 -9.19 -14.89 -0.62
C ASN A 103 -8.84 -14.08 0.62
N VAL A 104 -7.60 -13.56 0.68
CA VAL A 104 -7.19 -12.67 1.78
C VAL A 104 -6.86 -11.29 1.23
N GLY A 105 -7.66 -10.33 1.68
CA GLY A 105 -7.43 -8.90 1.40
C GLY A 105 -7.47 -8.53 -0.07
N ALA A 106 -6.88 -7.38 -0.36
CA ALA A 106 -6.89 -6.82 -1.71
C ALA A 106 -5.93 -5.64 -1.74
N ARG A 107 -5.43 -5.32 -2.93
CA ARG A 107 -4.67 -4.08 -3.16
C ARG A 107 -5.32 -3.47 -4.39
N LEU A 108 -5.77 -2.22 -4.25
CA LEU A 108 -6.58 -1.56 -5.27
C LEU A 108 -5.98 -0.23 -5.69
N TYR A 109 -6.18 0.14 -6.96
CA TYR A 109 -5.69 1.44 -7.47
C TYR A 109 -6.86 2.28 -7.94
N LEU A 110 -6.80 3.60 -7.72
CA LEU A 110 -7.81 4.51 -8.26
C LEU A 110 -7.55 4.79 -9.73
N MET A 111 -8.61 4.62 -10.52
CA MET A 111 -8.54 4.80 -11.96
CA MET A 111 -8.58 4.78 -11.97
C MET A 111 -9.09 6.14 -12.39
N ALA A 112 -8.54 6.64 -13.50
CA ALA A 112 -9.04 7.84 -14.17
C ALA A 112 -10.02 7.46 -15.29
N SER A 113 -9.82 6.31 -15.88
CA SER A 113 -10.71 5.76 -16.92
C SER A 113 -10.62 4.27 -16.75
N ASP A 114 -11.42 3.52 -17.52
CA ASP A 114 -11.43 2.07 -17.51
CA ASP A 114 -11.39 2.08 -17.38
C ASP A 114 -10.05 1.46 -17.79
N THR A 115 -9.18 2.26 -18.41
CA THR A 115 -7.88 1.75 -18.86
C THR A 115 -6.64 2.52 -18.36
N THR A 116 -6.84 3.48 -17.45
CA THR A 116 -5.71 4.28 -16.99
C THR A 116 -5.84 4.58 -15.50
N TYR A 117 -4.71 4.65 -14.80
CA TYR A 117 -4.70 5.08 -13.40
C TYR A 117 -4.82 6.60 -13.27
N GLN A 118 -5.44 7.05 -12.18
CA GLN A 118 -5.44 8.48 -11.83
C GLN A 118 -4.07 8.83 -11.25
N GLU A 119 -3.42 9.87 -11.77
CA GLU A 119 -2.14 10.32 -11.21
C GLU A 119 -2.42 11.60 -10.43
N PHE A 120 -1.80 11.70 -9.26
CA PHE A 120 -1.91 12.89 -8.37
C PHE A 120 -0.52 13.48 -8.19
N THR A 121 -0.40 14.81 -8.34
CA THR A 121 0.85 15.50 -8.02
C THR A 121 0.68 16.04 -6.60
N LEU A 122 1.38 15.42 -5.64
CA LEU A 122 1.14 15.75 -4.25
C LEU A 122 1.74 17.08 -3.81
N LEU A 123 2.90 17.45 -4.37
CA LEU A 123 3.62 18.65 -3.89
C LEU A 123 2.78 19.93 -4.01
N GLY A 124 2.65 20.65 -2.89
CA GLY A 124 1.86 21.88 -2.79
C GLY A 124 0.40 21.62 -2.49
N ASN A 125 0.03 20.34 -2.46
CA ASN A 125 -1.34 19.94 -2.25
C ASN A 125 -1.53 19.20 -0.95
N GLU A 126 -2.80 18.96 -0.63
CA GLU A 126 -3.11 18.12 0.51
C GLU A 126 -4.10 17.03 0.09
N PHE A 127 -4.09 15.93 0.84
CA PHE A 127 -4.97 14.80 0.58
C PHE A 127 -5.72 14.51 1.89
N SER A 128 -7.06 14.47 1.81
CA SER A 128 -7.94 14.21 2.95
C SER A 128 -8.76 12.97 2.70
N PHE A 129 -8.92 12.15 3.74
CA PHE A 129 -9.85 11.03 3.63
C PHE A 129 -10.41 10.71 5.01
N ASP A 130 -11.54 10.01 5.01
CA ASP A 130 -12.13 9.46 6.21
C ASP A 130 -11.85 7.97 6.24
N VAL A 131 -11.67 7.45 7.45
CA VAL A 131 -11.38 6.03 7.59
C VAL A 131 -12.08 5.47 8.82
N ASP A 132 -12.61 4.27 8.68
CA ASP A 132 -13.10 3.51 9.82
C ASP A 132 -12.14 2.34 10.00
N VAL A 133 -11.36 2.36 11.09
CA VAL A 133 -10.41 1.29 11.42
C VAL A 133 -10.91 0.42 12.56
N SER A 134 -12.18 0.60 12.95
CA SER A 134 -12.72 -0.08 14.14
C SER A 134 -12.63 -1.61 14.05
N GLN A 135 -12.74 -2.13 12.83
CA GLN A 135 -12.74 -3.58 12.62
C GLN A 135 -11.38 -4.11 12.22
N LEU A 136 -10.31 -3.36 12.57
CA LEU A 136 -8.95 -3.83 12.30
C LEU A 136 -8.20 -4.09 13.60
N PRO A 137 -8.05 -5.37 13.98
CA PRO A 137 -7.33 -5.68 15.21
C PRO A 137 -5.82 -5.76 14.99
N CYS A 138 -5.05 -6.04 16.05
CA CYS A 138 -3.61 -6.30 15.94
C CYS A 138 -3.30 -7.22 14.76
N GLY A 139 -2.22 -6.92 14.03
CA GLY A 139 -1.77 -7.78 12.95
C GLY A 139 -2.32 -7.45 11.58
N LEU A 140 -3.30 -6.54 11.54
CA LEU A 140 -3.86 -6.12 10.24
C LEU A 140 -3.40 -4.72 9.87
N ASN A 141 -3.42 -4.43 8.57
CA ASN A 141 -3.05 -3.10 8.06
C ASN A 141 -4.04 -2.69 6.98
N GLY A 142 -4.84 -1.68 7.26
CA GLY A 142 -5.63 -0.98 6.21
C GLY A 142 -4.78 0.19 5.75
N ALA A 143 -4.32 0.15 4.51
CA ALA A 143 -3.35 1.12 4.03
C ALA A 143 -3.88 1.99 2.91
N LEU A 144 -3.54 3.27 2.98
CA LEU A 144 -3.82 4.22 1.91
C LEU A 144 -2.49 4.89 1.64
N TYR A 145 -2.04 4.79 0.41
CA TYR A 145 -0.71 5.29 0.08
C TYR A 145 -0.55 5.58 -1.39
N PHE A 146 0.60 6.17 -1.74
CA PHE A 146 0.87 6.55 -3.14
C PHE A 146 2.17 5.92 -3.60
N VAL A 147 2.21 5.53 -4.87
CA VAL A 147 3.46 5.00 -5.45
C VAL A 147 3.65 5.58 -6.86
N SER A 148 4.91 5.66 -7.30
CA SER A 148 5.24 6.28 -8.58
C SER A 148 5.10 5.28 -9.72
N MET A 149 3.87 4.86 -9.97
CA MET A 149 3.53 3.95 -11.06
C MET A 149 3.24 4.70 -12.35
N ASP A 150 3.42 4.01 -13.48
CA ASP A 150 2.99 4.54 -14.80
C ASP A 150 1.47 4.53 -14.92
N ALA A 151 0.92 5.55 -15.60
CA ALA A 151 -0.53 5.68 -15.71
C ALA A 151 -1.16 4.53 -16.48
N ASP A 152 -0.39 3.94 -17.38
CA ASP A 152 -0.89 2.84 -18.21
C ASP A 152 -0.57 1.47 -17.64
N GLY A 153 0.05 1.44 -16.45
CA GLY A 153 0.46 0.16 -15.85
C GLY A 153 1.64 -0.53 -16.54
N GLY A 154 2.34 0.23 -17.39
CA GLY A 154 3.58 -0.24 -18.03
C GLY A 154 3.47 -0.60 -19.50
N VAL A 155 2.26 -0.53 -20.07
CA VAL A 155 2.03 -0.98 -21.46
C VAL A 155 2.97 -0.27 -22.47
N SER A 156 3.12 1.05 -22.34
CA SER A 156 3.88 1.76 -23.36
C SER A 156 5.36 1.33 -23.39
N LYS A 157 5.89 0.98 -22.23
CA LYS A 157 7.28 0.58 -22.12
C LYS A 157 7.52 -0.87 -22.45
N TYR A 158 6.52 -1.72 -22.20
CA TYR A 158 6.68 -3.18 -22.27
C TYR A 158 5.55 -3.75 -23.06
N PRO A 159 5.68 -3.79 -24.40
CA PRO A 159 4.55 -4.14 -25.26
CA PRO A 159 4.50 -4.12 -25.19
C PRO A 159 4.00 -5.57 -25.07
N THR A 160 4.75 -6.43 -24.38
CA THR A 160 4.27 -7.78 -24.07
C THR A 160 3.28 -7.76 -22.87
N ASN A 161 3.14 -6.61 -22.22
CA ASN A 161 2.03 -6.35 -21.31
C ASN A 161 0.94 -5.65 -22.10
N THR A 162 -0.12 -6.37 -22.45
CA THR A 162 -1.25 -5.74 -23.13
C THR A 162 -2.45 -5.63 -22.20
N ALA A 163 -2.34 -6.19 -20.98
CA ALA A 163 -3.43 -6.13 -20.01
C ALA A 163 -3.58 -4.73 -19.39
N GLY A 164 -2.47 -4.19 -18.93
CA GLY A 164 -2.44 -2.80 -18.49
C GLY A 164 -3.13 -2.48 -17.17
N ALA A 165 -3.33 -1.18 -16.98
CA ALA A 165 -3.98 -0.65 -15.79
C ALA A 165 -5.39 -1.25 -15.60
N LYS A 166 -6.08 -1.58 -16.70
CA LYS A 166 -7.41 -2.19 -16.61
C LYS A 166 -7.40 -3.48 -15.80
N TYR A 167 -6.25 -4.17 -15.81
CA TYR A 167 -6.06 -5.43 -15.06
C TYR A 167 -5.06 -5.26 -13.94
N GLY A 168 -4.83 -4.02 -13.53
CA GLY A 168 -4.00 -3.76 -12.35
C GLY A 168 -2.54 -4.16 -12.47
N THR A 169 -1.94 -3.95 -13.65
CA THR A 169 -0.52 -4.22 -13.83
C THR A 169 0.32 -3.03 -13.40
N GLY A 170 1.62 -3.28 -13.26
CA GLY A 170 2.60 -2.20 -13.12
C GLY A 170 2.95 -1.76 -11.72
N TYR A 171 2.51 -2.51 -10.72
CA TYR A 171 2.81 -2.12 -9.35
C TYR A 171 4.30 -2.06 -9.07
N CYS A 172 4.65 -1.16 -8.17
CA CYS A 172 5.97 -1.03 -7.61
C CYS A 172 5.81 -0.38 -6.25
N ASP A 173 6.78 -0.58 -5.38
CA ASP A 173 6.84 0.19 -4.15
C ASP A 173 8.25 0.16 -3.59
N SER A 174 8.43 0.74 -2.42
CA SER A 174 9.77 0.93 -1.89
C SER A 174 10.40 -0.33 -1.30
N GLN A 175 9.66 -1.44 -1.27
CA GLN A 175 10.24 -2.74 -0.91
C GLN A 175 10.83 -3.44 -2.13
N CYS A 176 10.69 -2.84 -3.33
CA CYS A 176 11.10 -3.52 -4.58
C CYS A 176 10.50 -4.93 -4.60
N PRO A 177 9.17 -5.05 -4.44
CA PRO A 177 8.56 -6.37 -4.19
C PRO A 177 8.88 -7.40 -5.27
N ARG A 178 9.28 -8.59 -4.84
CA ARG A 178 9.62 -9.71 -5.71
C ARG A 178 8.52 -10.79 -5.72
N ASP A 179 7.42 -10.55 -4.99
CA ASP A 179 6.28 -11.49 -5.02
C ASP A 179 5.35 -11.27 -6.22
N LEU A 180 5.60 -10.22 -7.00
CA LEU A 180 4.79 -9.96 -8.20
C LEU A 180 5.00 -11.03 -9.26
N LYS A 181 3.90 -11.44 -9.88
CA LYS A 181 3.95 -12.54 -10.87
C LYS A 181 4.36 -12.07 -12.26
N PHE A 182 4.07 -10.80 -12.57
CA PHE A 182 4.51 -10.16 -13.81
C PHE A 182 5.15 -8.82 -13.49
N ILE A 183 6.30 -8.58 -14.12
CA ILE A 183 7.01 -7.31 -13.98
C ILE A 183 7.53 -6.99 -15.38
N ASN A 184 7.28 -5.76 -15.84
CA ASN A 184 7.80 -5.29 -17.13
C ASN A 184 7.40 -6.17 -18.31
N GLY A 185 6.15 -6.66 -18.29
CA GLY A 185 5.61 -7.43 -19.40
C GLY A 185 6.20 -8.83 -19.51
N GLN A 186 6.90 -9.28 -18.48
CA GLN A 186 7.42 -10.66 -18.44
C GLN A 186 6.93 -11.29 -17.16
N ALA A 187 6.80 -12.62 -17.13
CA ALA A 187 6.53 -13.27 -15.85
C ALA A 187 7.74 -13.18 -14.91
N ASN A 188 7.55 -13.64 -13.69
CA ASN A 188 8.61 -13.66 -12.70
C ASN A 188 8.91 -15.09 -12.24
N VAL A 189 8.65 -16.04 -13.15
CA VAL A 189 8.84 -17.47 -12.85
C VAL A 189 10.33 -17.84 -12.67
N GLU A 190 11.23 -17.17 -13.39
CA GLU A 190 12.65 -17.45 -13.22
C GLU A 190 13.11 -17.11 -11.79
N GLY A 191 13.66 -18.10 -11.09
CA GLY A 191 14.10 -17.93 -9.72
C GLY A 191 12.98 -18.01 -8.69
N TRP A 192 11.80 -18.42 -9.11
CA TRP A 192 10.63 -18.51 -8.20
C TRP A 192 10.85 -19.49 -7.06
N GLU A 193 10.57 -19.02 -5.85
CA GLU A 193 10.62 -19.84 -4.64
C GLU A 193 9.30 -19.68 -3.90
N PRO A 194 8.51 -20.76 -3.82
N PRO A 194 8.56 -20.79 -3.75
CA PRO A 194 7.23 -20.68 -3.10
CA PRO A 194 7.30 -20.67 -3.03
C PRO A 194 7.42 -20.36 -1.61
C PRO A 194 7.55 -20.15 -1.63
N SER A 195 6.55 -19.50 -1.06
CA SER A 195 6.62 -19.12 0.33
CA SER A 195 6.59 -19.11 0.34
C SER A 195 6.47 -20.35 1.22
N SER A 196 7.27 -20.39 2.29
CA SER A 196 7.20 -21.49 3.24
C SER A 196 5.94 -21.42 4.12
N ASN A 197 5.36 -20.22 4.29
CA ASN A 197 4.19 -20.07 5.13
C ASN A 197 2.92 -19.56 4.45
N ASN A 198 2.94 -19.40 3.14
CA ASN A 198 1.78 -18.87 2.44
C ASN A 198 1.50 -19.71 1.22
N ALA A 199 0.33 -20.36 1.21
CA ALA A 199 -0.05 -21.28 0.13
C ALA A 199 -0.23 -20.57 -1.22
N ASN A 200 -0.32 -19.25 -1.19
CA ASN A 200 -0.70 -18.51 -2.40
C ASN A 200 0.41 -17.65 -3.00
N THR A 201 1.58 -17.61 -2.37
CA THR A 201 2.60 -16.64 -2.76
C THR A 201 4.00 -17.22 -2.85
N GLY A 202 4.88 -16.46 -3.47
CA GLY A 202 6.28 -16.81 -3.52
C GLY A 202 7.11 -15.56 -3.80
N ILE A 203 8.37 -15.81 -4.12
CA ILE A 203 9.35 -14.76 -4.38
CA ILE A 203 9.39 -14.78 -4.36
C ILE A 203 10.09 -15.13 -5.66
N GLY A 204 10.09 -14.21 -6.63
CA GLY A 204 10.73 -14.46 -7.92
C GLY A 204 12.09 -13.79 -8.06
N GLY A 205 12.74 -14.00 -9.19
CA GLY A 205 14.08 -13.47 -9.41
C GLY A 205 14.16 -11.97 -9.65
N HIS A 206 13.02 -11.33 -9.95
CA HIS A 206 13.01 -9.91 -10.18
CA HIS A 206 12.99 -9.89 -10.19
C HIS A 206 12.03 -9.19 -9.24
N GLY A 207 12.25 -7.89 -9.05
CA GLY A 207 11.36 -7.08 -8.21
C GLY A 207 11.03 -5.79 -8.93
N SER A 208 10.12 -5.00 -8.36
CA SER A 208 9.63 -3.79 -9.01
C SER A 208 9.68 -2.59 -8.04
N CYS A 209 10.63 -1.69 -8.28
CA CYS A 209 10.94 -0.63 -7.30
C CYS A 209 10.30 0.68 -7.72
N CYS A 210 9.88 1.46 -6.72
CA CYS A 210 9.61 2.90 -6.93
C CYS A 210 9.31 3.59 -5.61
N SER A 211 9.34 4.92 -5.68
CA SER A 211 9.04 5.80 -4.55
C SER A 211 7.67 5.50 -3.98
N GLU A 212 7.55 5.64 -2.66
CA GLU A 212 6.33 5.27 -1.96
C GLU A 212 6.03 6.30 -0.87
N MET A 213 4.81 6.86 -0.92
CA MET A 213 4.36 7.75 0.14
C MET A 213 3.28 7.06 0.97
N ASP A 214 3.67 6.55 2.15
CA ASP A 214 2.67 5.91 3.01
C ASP A 214 1.94 6.92 3.85
N ILE A 215 0.84 7.41 3.29
CA ILE A 215 0.00 8.36 4.03
C ILE A 215 -0.56 7.65 5.29
N TRP A 216 -0.97 6.41 5.13
CA TRP A 216 -1.73 5.73 6.17
C TRP A 216 -1.43 4.24 6.17
N GLN A 217 -0.76 3.75 7.21
CA GLN A 217 -0.65 2.32 7.47
C GLN A 217 -1.12 2.19 8.89
N ALA A 218 -2.20 1.45 9.10
CA ALA A 218 -2.89 1.53 10.37
C ALA A 218 -3.89 0.42 10.67
N ASN A 219 -4.15 0.26 11.96
CA ASN A 219 -5.29 -0.53 12.43
C ASN A 219 -5.90 0.20 13.61
N SER A 220 -6.67 -0.50 14.43
CA SER A 220 -7.35 0.18 15.56
C SER A 220 -6.35 0.50 16.69
N ILE A 221 -5.11 0.01 16.59
CA ILE A 221 -4.12 0.17 17.67
C ILE A 221 -3.02 1.19 17.37
N SER A 222 -2.55 1.19 16.13
CA SER A 222 -1.42 2.03 15.73
CA SER A 222 -1.45 2.05 15.73
C SER A 222 -1.61 2.55 14.31
N GLU A 223 -0.96 3.68 14.04
CA GLU A 223 -0.96 4.29 12.71
C GLU A 223 0.38 4.96 12.46
N ALA A 224 0.81 4.95 11.19
CA ALA A 224 2.10 5.54 10.81
C ALA A 224 2.02 6.27 9.49
N LEU A 225 2.80 7.34 9.40
CA LEU A 225 2.95 8.18 8.19
C LEU A 225 4.40 8.09 7.75
N THR A 226 4.66 7.64 6.52
CA THR A 226 6.06 7.34 6.13
C THR A 226 6.42 7.56 4.65
N PRO A 227 7.27 8.57 4.37
CA PRO A 227 7.84 8.66 3.02
C PRO A 227 9.03 7.72 2.82
N HIS A 228 9.12 7.11 1.63
CA HIS A 228 10.22 6.23 1.25
C HIS A 228 10.80 6.68 -0.08
N PRO A 229 12.01 7.25 -0.06
CA PRO A 229 12.64 7.66 -1.33
C PRO A 229 13.35 6.49 -2.02
N CYS A 230 13.53 6.61 -3.33
CA CYS A 230 14.38 5.69 -4.09
C CYS A 230 15.29 6.51 -5.00
N THR A 231 16.44 5.94 -5.37
CA THR A 231 17.39 6.68 -6.20
C THR A 231 16.92 6.78 -7.67
N THR A 232 16.07 5.85 -8.10
CA THR A 232 15.27 6.03 -9.31
C THR A 232 13.85 6.31 -8.83
N VAL A 233 13.28 7.42 -9.28
CA VAL A 233 11.99 7.88 -8.71
C VAL A 233 10.85 6.95 -9.09
N GLY A 234 10.75 6.62 -10.37
CA GLY A 234 9.61 5.81 -10.85
C GLY A 234 9.90 4.33 -10.94
N GLN A 235 9.01 3.61 -11.61
CA GLN A 235 9.03 2.15 -11.62
C GLN A 235 10.28 1.67 -12.33
N GLU A 236 10.94 0.68 -11.72
CA GLU A 236 12.18 0.15 -12.28
C GLU A 236 12.35 -1.27 -11.79
N ILE A 237 12.62 -2.19 -12.70
CA ILE A 237 12.91 -3.57 -12.32
C ILE A 237 14.24 -3.70 -11.54
N CYS A 238 14.30 -4.68 -10.64
CA CYS A 238 15.57 -5.03 -9.97
C CYS A 238 15.76 -6.55 -10.04
N GLU A 239 17.00 -6.98 -9.80
CA GLU A 239 17.36 -8.40 -9.92
CA GLU A 239 17.40 -8.39 -9.94
C GLU A 239 17.83 -9.00 -8.61
N GLY A 240 17.16 -10.08 -8.21
CA GLY A 240 17.53 -10.84 -7.02
C GLY A 240 17.78 -10.02 -5.77
N ASP A 241 18.82 -10.41 -5.03
CA ASP A 241 19.08 -9.79 -3.74
CA ASP A 241 19.16 -9.81 -3.74
C ASP A 241 19.50 -8.33 -3.89
N GLY A 242 19.90 -7.95 -5.10
CA GLY A 242 20.17 -6.56 -5.46
C GLY A 242 18.96 -5.65 -5.32
N CYS A 243 17.77 -6.26 -5.27
CA CYS A 243 16.53 -5.55 -5.02
C CYS A 243 16.50 -4.88 -3.66
N GLY A 244 17.10 -5.53 -2.66
CA GLY A 244 16.90 -5.10 -1.28
C GLY A 244 15.47 -5.36 -0.87
N GLY A 245 15.01 -4.71 0.22
CA GLY A 245 13.62 -4.81 0.65
C GLY A 245 13.23 -6.09 1.39
N THR A 246 11.96 -6.15 1.78
CA THR A 246 11.41 -7.25 2.59
C THR A 246 11.59 -8.65 1.97
N TYR A 247 11.58 -8.71 0.64
CA TYR A 247 11.56 -9.97 -0.11
C TYR A 247 12.97 -10.51 -0.41
N SER A 248 14.01 -9.78 0.01
CA SER A 248 15.41 -10.19 -0.26
C SER A 248 16.16 -10.57 1.02
N ASP A 249 17.15 -11.46 0.88
CA ASP A 249 18.02 -11.83 2.01
C ASP A 249 18.70 -10.61 2.63
N ASN A 250 19.14 -9.67 1.81
CA ASN A 250 19.68 -8.39 2.28
C ASN A 250 18.67 -7.27 2.08
N ARG A 251 18.28 -6.63 3.17
CA ARG A 251 17.27 -5.59 3.17
C ARG A 251 17.72 -4.27 2.51
N TYR A 252 19.01 -3.95 2.62
CA TYR A 252 19.53 -2.62 2.23
C TYR A 252 20.44 -2.51 1.01
N GLY A 253 20.63 -3.58 0.26
CA GLY A 253 21.57 -3.44 -0.84
C GLY A 253 21.15 -2.55 -2.01
N GLY A 254 19.88 -2.15 -2.06
CA GLY A 254 19.28 -1.72 -3.34
C GLY A 254 19.04 -0.25 -3.52
N THR A 255 18.13 0.09 -4.43
CA THR A 255 17.85 1.47 -4.84
C THR A 255 16.76 2.20 -4.04
N CYS A 256 16.00 1.44 -3.25
CA CYS A 256 14.91 2.06 -2.49
C CYS A 256 15.21 2.01 -1.00
N ASP A 257 14.60 2.93 -0.27
CA ASP A 257 14.63 2.87 1.19
C ASP A 257 13.40 2.10 1.72
N PRO A 258 13.61 0.87 2.21
CA PRO A 258 12.45 0.09 2.64
C PRO A 258 11.97 0.46 4.06
N ASP A 259 12.72 1.31 4.77
CA ASP A 259 12.35 1.64 6.16
C ASP A 259 11.52 2.93 6.19
N GLY A 260 12.02 3.95 5.51
CA GLY A 260 11.35 5.25 5.46
C GLY A 260 11.62 6.09 6.70
N CYS A 261 11.19 7.35 6.63
CA CYS A 261 11.21 8.24 7.79
C CYS A 261 9.80 8.21 8.36
N ASP A 262 9.57 7.30 9.31
CA ASP A 262 8.21 7.06 9.76
C ASP A 262 7.87 7.92 10.94
N TRP A 263 6.61 8.33 11.00
CA TRP A 263 6.05 9.03 12.13
C TRP A 263 4.85 8.24 12.67
N ASN A 264 5.06 7.59 13.83
CA ASN A 264 4.03 6.85 14.54
C ASN A 264 3.92 7.51 15.91
N PRO A 265 2.78 8.18 16.20
CA PRO A 265 2.73 8.94 17.45
C PRO A 265 3.03 8.07 18.71
N TYR A 266 2.58 6.83 18.68
CA TYR A 266 2.83 5.90 19.81
C TYR A 266 4.34 5.65 19.94
N ARG A 267 4.99 5.37 18.81
CA ARG A 267 6.44 5.12 18.80
C ARG A 267 7.24 6.31 19.35
N LEU A 268 6.73 7.51 19.07
CA LEU A 268 7.37 8.75 19.48
C LEU A 268 7.04 9.14 20.93
N GLY A 269 6.18 8.36 21.59
CA GLY A 269 5.97 8.54 23.02
C GLY A 269 4.56 8.89 23.46
N ASN A 270 3.71 9.30 22.52
CA ASN A 270 2.36 9.65 22.93
C ASN A 270 1.47 8.43 22.79
N THR A 271 1.37 7.68 23.89
CA THR A 271 0.63 6.42 23.87
C THR A 271 -0.84 6.62 24.15
N SER A 272 -1.27 7.89 24.30
CA SER A 272 -2.66 8.23 24.58
CA SER A 272 -2.69 8.15 24.56
C SER A 272 -3.39 8.84 23.38
N PHE A 273 -2.68 9.01 22.27
CA PHE A 273 -3.26 9.75 21.16
C PHE A 273 -4.29 8.98 20.32
N TYR A 274 -4.00 7.72 20.03
CA TYR A 274 -4.76 6.99 19.02
C TYR A 274 -4.99 5.58 19.54
N GLY A 275 -6.26 5.21 19.70
CA GLY A 275 -6.61 3.86 20.17
C GLY A 275 -8.09 3.73 20.41
N PRO A 276 -8.52 2.51 20.79
CA PRO A 276 -9.93 2.22 20.88
C PRO A 276 -10.53 2.79 22.16
N GLY A 277 -11.58 3.59 22.00
CA GLY A 277 -12.39 4.02 23.13
C GLY A 277 -12.05 5.42 23.61
N SER A 278 -12.75 5.84 24.65
CA SER A 278 -12.66 7.26 25.04
C SER A 278 -11.44 7.63 25.88
N SER A 279 -10.57 6.68 26.18
CA SER A 279 -9.33 7.01 26.88
C SER A 279 -8.27 7.59 25.92
N PHE A 280 -8.58 7.64 24.62
CA PHE A 280 -7.64 8.12 23.61
C PHE A 280 -8.14 9.42 22.99
N THR A 281 -7.20 10.25 22.54
CA THR A 281 -7.55 11.52 21.90
C THR A 281 -8.43 11.27 20.68
N LEU A 282 -7.96 10.36 19.82
CA LEU A 282 -8.71 9.87 18.68
C LEU A 282 -9.15 8.45 18.99
N ASP A 283 -10.46 8.27 19.01
CA ASP A 283 -11.13 7.01 19.37
C ASP A 283 -11.33 6.17 18.10
N THR A 284 -10.58 5.07 18.02
CA THR A 284 -10.55 4.28 16.78
C THR A 284 -11.75 3.35 16.62
N THR A 285 -12.67 3.37 17.58
CA THR A 285 -13.94 2.69 17.36
C THR A 285 -14.87 3.52 16.50
N LYS A 286 -14.46 4.75 16.19
CA LYS A 286 -15.27 5.66 15.40
C LYS A 286 -14.52 6.20 14.18
N LYS A 287 -15.27 6.60 13.15
CA LYS A 287 -14.68 7.16 11.93
CA LYS A 287 -14.66 7.14 11.93
C LYS A 287 -13.85 8.39 12.27
N LEU A 288 -12.76 8.60 11.54
CA LEU A 288 -11.96 9.80 11.70
C LEU A 288 -11.50 10.31 10.35
N THR A 289 -11.17 11.61 10.31
CA THR A 289 -10.66 12.27 9.12
C THR A 289 -9.17 12.50 9.29
N VAL A 290 -8.41 12.17 8.24
CA VAL A 290 -6.94 12.29 8.24
C VAL A 290 -6.54 13.19 7.07
N VAL A 291 -5.84 14.28 7.38
CA VAL A 291 -5.42 15.25 6.36
C VAL A 291 -3.90 15.37 6.32
N THR A 292 -3.33 15.29 5.12
CA THR A 292 -1.89 15.24 4.97
C THR A 292 -1.48 16.27 3.95
N GLN A 293 -0.55 17.17 4.33
CA GLN A 293 -0.23 18.36 3.55
C GLN A 293 1.23 18.30 3.10
N PHE A 294 1.46 18.44 1.81
CA PHE A 294 2.80 18.29 1.25
C PHE A 294 3.33 19.65 0.86
N GLU A 295 3.92 20.35 1.83
CA GLU A 295 4.37 21.70 1.52
C GLU A 295 5.53 21.72 0.54
N THR A 296 5.64 22.81 -0.21
CA THR A 296 6.64 22.89 -1.28
C THR A 296 8.07 22.73 -0.79
N SER A 297 8.30 23.00 0.51
CA SER A 297 9.64 22.78 1.09
C SER A 297 10.05 21.30 1.08
N GLY A 298 9.08 20.41 0.95
CA GLY A 298 9.34 18.96 1.05
C GLY A 298 9.00 18.36 2.40
N ALA A 299 8.67 19.20 3.38
CA ALA A 299 8.20 18.73 4.68
C ALA A 299 6.73 18.29 4.57
N ILE A 300 6.29 17.49 5.53
CA ILE A 300 4.92 17.02 5.54
C ILE A 300 4.21 17.38 6.84
N ASN A 301 3.02 17.97 6.72
CA ASN A 301 2.22 18.31 7.91
C ASN A 301 0.96 17.47 7.96
N ARG A 302 0.40 17.30 9.15
CA ARG A 302 -0.70 16.37 9.38
C ARG A 302 -1.63 16.89 10.45
N TYR A 303 -2.93 16.79 10.17
CA TYR A 303 -3.93 16.98 11.20
C TYR A 303 -5.07 16.00 11.05
N TYR A 304 -5.85 15.86 12.13
CA TYR A 304 -6.94 14.91 12.17
C TYR A 304 -8.21 15.64 12.59
N VAL A 305 -9.36 15.10 12.17
CA VAL A 305 -10.63 15.64 12.68
C VAL A 305 -11.49 14.49 13.12
N GLN A 306 -12.07 14.58 14.32
CA GLN A 306 -13.06 13.59 14.75
C GLN A 306 -14.16 14.29 15.54
N ASN A 307 -15.42 14.05 15.15
CA ASN A 307 -16.56 14.73 15.80
C ASN A 307 -16.42 16.24 15.75
N GLY A 308 -15.90 16.76 14.63
CA GLY A 308 -15.71 18.19 14.45
C GLY A 308 -14.59 18.84 15.27
N VAL A 309 -13.84 18.04 16.03
CA VAL A 309 -12.69 18.55 16.79
C VAL A 309 -11.42 18.26 15.99
N THR A 310 -10.59 19.30 15.85
CA THR A 310 -9.33 19.22 15.09
C THR A 310 -8.11 19.00 16.01
N PHE A 311 -7.23 18.09 15.61
CA PHE A 311 -5.96 17.82 16.30
C PHE A 311 -4.81 17.82 15.31
N GLN A 312 -3.83 18.71 15.48
CA GLN A 312 -2.58 18.56 14.73
C GLN A 312 -1.90 17.24 15.13
N GLN A 313 -1.04 16.72 14.25
CA GLN A 313 -0.11 15.67 14.65
C GLN A 313 0.47 16.04 16.03
N PRO A 314 0.47 15.09 17.00
CA PRO A 314 0.99 15.50 18.33
C PRO A 314 2.46 15.88 18.32
N ASN A 315 2.83 16.81 19.21
CA ASN A 315 4.23 17.15 19.34
CA ASN A 315 4.25 17.16 19.35
C ASN A 315 5.08 15.95 19.76
N ALA A 316 6.28 15.88 19.22
CA ALA A 316 7.27 14.88 19.62
C ALA A 316 8.60 15.54 19.92
N GLU A 317 9.32 14.98 20.89
CA GLU A 317 10.68 15.42 21.16
C GLU A 317 11.59 14.22 20.95
N LEU A 318 12.57 14.39 20.07
CA LEU A 318 13.49 13.30 19.75
C LEU A 318 14.87 13.90 19.53
N GLY A 319 15.82 13.58 20.41
CA GLY A 319 17.13 14.24 20.33
C GLY A 319 16.99 15.75 20.38
N SER A 320 17.61 16.44 19.43
CA SER A 320 17.46 17.90 19.30
C SER A 320 16.19 18.36 18.57
N TYR A 321 15.39 17.41 18.08
CA TYR A 321 14.18 17.78 17.35
C TYR A 321 13.03 17.99 18.31
N SER A 322 12.22 19.03 18.06
CA SER A 322 10.96 19.23 18.79
C SER A 322 9.95 19.80 17.80
N GLY A 323 8.78 19.18 17.69
CA GLY A 323 7.77 19.72 16.77
C GLY A 323 6.75 18.65 16.36
N ASN A 324 5.90 19.01 15.40
CA ASN A 324 4.94 18.05 14.88
C ASN A 324 4.98 17.91 13.37
N GLU A 325 6.02 18.47 12.77
CA GLU A 325 6.20 18.43 11.32
C GLU A 325 7.23 17.40 10.90
N LEU A 326 6.89 16.60 9.88
CA LEU A 326 7.82 15.62 9.35
C LEU A 326 8.75 16.34 8.37
N ASN A 327 9.92 16.74 8.86
CA ASN A 327 10.87 17.55 8.08
C ASN A 327 12.29 16.94 8.18
N ASP A 328 13.26 17.57 7.51
CA ASP A 328 14.65 17.10 7.51
C ASP A 328 15.18 16.89 8.92
N ASP A 329 14.90 17.83 9.81
CA ASP A 329 15.37 17.76 11.19
C ASP A 329 14.79 16.56 11.91
N TYR A 330 13.51 16.28 11.71
CA TYR A 330 12.89 15.09 12.32
C TYR A 330 13.59 13.81 11.83
N CYS A 331 13.67 13.67 10.52
CA CYS A 331 14.19 12.44 9.93
C CYS A 331 15.66 12.17 10.34
N THR A 332 16.42 13.25 10.46
CA THR A 332 17.82 13.17 10.90
C THR A 332 17.90 12.79 12.36
N ALA A 333 17.05 13.38 13.20
CA ALA A 333 16.99 13.07 14.62
C ALA A 333 16.52 11.63 14.82
N GLU A 334 15.59 11.20 13.96
CA GLU A 334 15.08 9.82 14.07
C GLU A 334 16.19 8.80 13.82
N GLU A 335 16.95 9.01 12.76
CA GLU A 335 18.06 8.12 12.50
C GLU A 335 19.07 8.14 13.65
N ALA A 336 19.34 9.33 14.18
CA ALA A 336 20.31 9.47 15.28
C ALA A 336 19.86 8.70 16.53
N GLU A 337 18.57 8.76 16.84
CA GLU A 337 18.06 8.23 18.10
C GLU A 337 17.58 6.80 17.99
N PHE A 338 16.90 6.46 16.89
CA PHE A 338 16.35 5.10 16.69
C PHE A 338 17.30 4.21 15.88
N GLY A 339 18.26 4.82 15.20
CA GLY A 339 19.24 4.09 14.39
C GLY A 339 18.88 4.06 12.92
N GLY A 340 19.84 3.61 12.11
CA GLY A 340 19.62 3.45 10.66
C GLY A 340 20.16 4.57 9.80
N SER A 341 20.38 4.27 8.53
CA SER A 341 20.83 5.27 7.57
C SER A 341 20.15 5.14 6.23
N SER A 342 19.18 4.24 6.11
CA SER A 342 18.55 3.97 4.81
C SER A 342 17.86 5.20 4.20
N PHE A 343 17.05 5.88 5.01
CA PHE A 343 16.34 7.07 4.53
C PHE A 343 17.31 8.13 3.98
N SER A 344 18.33 8.46 4.78
CA SER A 344 19.31 9.46 4.36
CA SER A 344 19.31 9.45 4.36
C SER A 344 20.17 8.98 3.20
N ASP A 345 20.53 7.69 3.20
CA ASP A 345 21.36 7.09 2.13
C ASP A 345 20.69 7.26 0.77
N LYS A 346 19.36 7.17 0.77
CA LYS A 346 18.57 7.31 -0.45
C LYS A 346 18.15 8.74 -0.74
N GLY A 347 18.65 9.71 0.03
CA GLY A 347 18.46 11.12 -0.34
C GLY A 347 17.41 11.87 0.45
N GLY A 348 16.78 11.16 1.40
CA GLY A 348 15.85 11.79 2.32
C GLY A 348 14.68 12.53 1.68
N LEU A 349 14.24 13.60 2.32
CA LEU A 349 13.07 14.35 1.83
C LEU A 349 13.37 15.08 0.53
N THR A 350 14.64 15.44 0.32
CA THR A 350 15.00 16.07 -0.95
C THR A 350 14.75 15.14 -2.13
N GLN A 351 15.15 13.87 -1.99
CA GLN A 351 14.96 12.90 -3.05
C GLN A 351 13.48 12.55 -3.13
N PHE A 352 12.83 12.54 -1.98
CA PHE A 352 11.42 12.22 -1.97
C PHE A 352 10.57 13.26 -2.70
N LYS A 353 10.99 14.53 -2.61
CA LYS A 353 10.28 15.60 -3.29
CA LYS A 353 10.29 15.61 -3.30
C LYS A 353 10.23 15.38 -4.81
N LYS A 354 11.18 14.62 -5.35
CA LYS A 354 11.13 14.34 -6.78
C LYS A 354 9.92 13.45 -7.13
N ALA A 355 9.51 12.59 -6.19
CA ALA A 355 8.33 11.74 -6.36
C ALA A 355 7.05 12.58 -6.27
N THR A 356 6.96 13.42 -5.22
CA THR A 356 5.73 14.17 -5.00
C THR A 356 5.56 15.31 -6.02
N SER A 357 6.66 15.69 -6.67
CA SER A 357 6.60 16.70 -7.74
CA SER A 357 6.55 16.72 -7.72
C SER A 357 6.06 16.13 -9.05
N GLY A 358 6.10 14.81 -9.18
CA GLY A 358 5.62 14.07 -10.34
C GLY A 358 4.30 13.41 -10.01
N GLY A 359 3.78 12.57 -10.89
CA GLY A 359 2.51 11.90 -10.60
C GLY A 359 2.71 10.63 -9.81
N MET A 360 1.76 10.38 -8.90
CA MET A 360 1.73 9.14 -8.13
C MET A 360 0.34 8.57 -8.17
N VAL A 361 0.26 7.25 -8.06
CA VAL A 361 -1.01 6.53 -8.11
C VAL A 361 -1.48 6.22 -6.70
N LEU A 362 -2.77 6.42 -6.44
CA LEU A 362 -3.39 6.10 -5.14
C LEU A 362 -3.69 4.61 -5.01
N VAL A 363 -3.21 4.04 -3.91
CA VAL A 363 -3.36 2.62 -3.56
C VAL A 363 -4.14 2.56 -2.24
N MET A 364 -5.13 1.65 -2.20
CA MET A 364 -5.82 1.33 -0.95
C MET A 364 -5.80 -0.18 -0.81
N SER A 365 -5.41 -0.66 0.37
CA SER A 365 -5.22 -2.10 0.54
C SER A 365 -5.59 -2.55 1.94
N LEU A 366 -5.76 -3.86 2.08
CA LEU A 366 -5.94 -4.49 3.38
C LEU A 366 -5.13 -5.76 3.34
N TRP A 367 -4.24 -5.91 4.32
CA TRP A 367 -3.32 -7.05 4.36
C TRP A 367 -2.92 -7.49 5.76
N ASP A 368 -2.52 -8.76 5.86
CA ASP A 368 -1.75 -9.24 7.02
C ASP A 368 -0.33 -9.52 6.53
N ASP A 369 0.59 -9.76 7.47
CA ASP A 369 2.01 -9.65 7.17
C ASP A 369 2.70 -10.98 7.39
N TYR A 370 2.98 -11.69 6.30
CA TYR A 370 3.61 -13.00 6.36
C TYR A 370 5.10 -12.98 6.66
N TYR A 371 5.71 -11.80 6.65
CA TYR A 371 7.13 -11.65 6.95
C TYR A 371 7.41 -11.26 8.39
N ALA A 372 6.61 -10.34 8.96
CA ALA A 372 6.92 -9.86 10.32
C ALA A 372 5.70 -9.63 11.20
N ASN A 373 4.55 -10.19 10.78
CA ASN A 373 3.32 -10.19 11.60
C ASN A 373 2.82 -8.80 12.03
N MET A 374 3.19 -7.78 11.26
CA MET A 374 2.80 -6.38 11.47
C MET A 374 3.37 -5.83 12.76
N LEU A 375 4.35 -6.52 13.34
CA LEU A 375 4.89 -6.09 14.65
C LEU A 375 5.58 -4.75 14.60
N TRP A 376 6.15 -4.43 13.43
CA TRP A 376 6.82 -3.14 13.19
C TRP A 376 5.82 -1.97 13.29
N LEU A 377 4.53 -2.25 13.09
CA LEU A 377 3.49 -1.21 13.14
C LEU A 377 2.88 -1.08 14.55
N ASP A 378 2.60 -2.22 15.21
CA ASP A 378 1.72 -2.16 16.38
C ASP A 378 2.23 -2.87 17.62
N SER A 379 3.49 -3.27 17.63
CA SER A 379 4.01 -4.06 18.73
C SER A 379 5.41 -3.57 19.11
N THR A 380 6.18 -4.44 19.75
CA THR A 380 7.59 -4.16 20.03
C THR A 380 8.41 -4.90 19.01
N TYR A 381 9.34 -4.21 18.36
CA TYR A 381 10.05 -4.79 17.22
C TYR A 381 11.46 -4.21 17.11
N PRO A 382 12.50 -5.05 16.96
CA PRO A 382 12.41 -6.50 17.05
CA PRO A 382 12.41 -6.51 17.05
C PRO A 382 11.94 -6.98 18.42
N THR A 383 11.47 -8.23 18.51
CA THR A 383 10.72 -8.69 19.69
C THR A 383 11.54 -8.95 20.94
N ASN A 384 12.86 -9.06 20.77
CA ASN A 384 13.76 -9.20 21.92
C ASN A 384 14.02 -7.85 22.61
N GLU A 385 13.79 -6.75 21.90
CA GLU A 385 14.01 -5.42 22.49
C GLU A 385 12.94 -5.15 23.54
N THR A 386 13.21 -4.18 24.41
CA THR A 386 12.23 -3.75 25.40
C THR A 386 12.00 -2.26 25.20
N SER A 387 11.16 -1.68 26.04
CA SER A 387 10.87 -0.26 25.99
C SER A 387 12.07 0.62 26.31
N SER A 388 13.15 0.02 26.82
CA SER A 388 14.38 0.79 27.10
C SER A 388 15.21 0.98 25.83
N THR A 389 14.87 0.28 24.75
CA THR A 389 15.48 0.53 23.45
C THR A 389 14.69 1.64 22.76
N PRO A 390 15.33 2.79 22.46
CA PRO A 390 14.56 3.85 21.84
C PRO A 390 13.90 3.40 20.53
N GLY A 391 12.60 3.66 20.42
CA GLY A 391 11.82 3.36 19.22
C GLY A 391 11.38 1.91 19.07
N ALA A 392 11.76 1.05 20.01
CA ALA A 392 11.38 -0.36 19.86
C ALA A 392 9.87 -0.59 19.95
N VAL A 393 9.19 0.14 20.83
CA VAL A 393 7.76 -0.06 21.06
C VAL A 393 6.94 0.85 20.14
N ARG A 394 6.13 0.24 19.28
CA ARG A 394 5.34 0.98 18.28
C ARG A 394 3.83 0.93 18.54
N GLY A 395 3.39 0.04 19.45
CA GLY A 395 1.98 -0.05 19.82
C GLY A 395 1.86 -1.04 20.96
N SER A 396 0.64 -1.31 21.38
CA SER A 396 0.38 -2.10 22.60
C SER A 396 0.10 -3.59 22.31
N CYS A 397 0.15 -3.99 21.04
CA CYS A 397 -0.12 -5.40 20.70
C CYS A 397 1.00 -6.28 21.22
N SER A 398 0.66 -7.47 21.69
CA SER A 398 1.65 -8.47 22.07
C SER A 398 2.63 -8.78 20.95
N THR A 399 3.88 -9.09 21.30
CA THR A 399 4.83 -9.56 20.31
C THR A 399 4.44 -10.94 19.72
N SER A 400 3.45 -11.60 20.32
CA SER A 400 2.88 -12.88 19.78
C SER A 400 1.75 -12.65 18.75
N SER A 401 1.38 -11.39 18.52
CA SER A 401 0.21 -11.08 17.68
C SER A 401 0.48 -11.13 16.20
N GLY A 402 -0.59 -11.20 15.41
CA GLY A 402 -0.45 -11.02 13.95
C GLY A 402 0.00 -12.23 13.16
N VAL A 403 -0.01 -13.44 13.75
CA VAL A 403 0.30 -14.64 12.93
C VAL A 403 -0.80 -14.75 11.87
N PRO A 404 -0.43 -14.73 10.57
CA PRO A 404 -1.48 -14.68 9.55
C PRO A 404 -2.54 -15.77 9.68
N ALA A 405 -2.14 -17.02 9.85
CA ALA A 405 -3.14 -18.10 9.90
C ALA A 405 -4.06 -17.89 11.09
N GLN A 406 -3.54 -17.33 12.17
CA GLN A 406 -4.33 -17.09 13.37
C GLN A 406 -5.33 -15.97 13.17
N VAL A 407 -4.86 -14.81 12.68
N VAL A 407 -4.87 -14.83 12.66
CA VAL A 407 -5.78 -13.69 12.49
CA VAL A 407 -5.78 -13.71 12.50
C VAL A 407 -6.81 -13.97 11.39
C VAL A 407 -6.79 -13.93 11.37
N GLU A 408 -6.41 -14.74 10.39
CA GLU A 408 -7.34 -15.12 9.31
C GLU A 408 -8.45 -16.04 9.85
N SER A 409 -8.09 -16.88 10.81
CA SER A 409 -9.04 -17.77 11.44
CA SER A 409 -9.04 -17.78 11.45
C SER A 409 -9.95 -17.07 12.46
N GLN A 410 -9.38 -16.18 13.26
CA GLN A 410 -10.09 -15.53 14.37
C GLN A 410 -10.86 -14.28 13.96
N SER A 411 -10.36 -13.57 12.95
CA SER A 411 -10.91 -12.27 12.56
C SER A 411 -11.19 -12.17 11.06
N PRO A 412 -11.83 -13.20 10.47
CA PRO A 412 -12.03 -13.16 9.01
C PRO A 412 -12.93 -12.00 8.55
N ASN A 413 -13.76 -11.48 9.46
CA ASN A 413 -14.70 -10.42 9.08
C ASN A 413 -14.13 -9.03 9.36
N ALA A 414 -12.84 -8.98 9.71
CA ALA A 414 -12.16 -7.68 9.79
C ALA A 414 -12.34 -6.98 8.45
N LYS A 415 -12.30 -5.65 8.49
CA LYS A 415 -12.55 -4.86 7.29
CA LYS A 415 -12.49 -4.88 7.27
C LYS A 415 -12.05 -3.45 7.50
N VAL A 416 -11.84 -2.73 6.40
CA VAL A 416 -11.52 -1.31 6.46
C VAL A 416 -12.44 -0.58 5.49
N THR A 417 -12.83 0.63 5.84
CA THR A 417 -13.63 1.46 4.95
C THR A 417 -12.96 2.81 4.83
N PHE A 418 -12.59 3.16 3.59
CA PHE A 418 -12.05 4.47 3.24
C PHE A 418 -13.15 5.24 2.55
N SER A 419 -13.30 6.52 2.86
CA SER A 419 -14.34 7.30 2.22
C SER A 419 -14.01 8.79 2.13
N ASN A 420 -14.80 9.49 1.32
CA ASN A 420 -14.72 10.95 1.25
C ASN A 420 -13.31 11.47 0.98
N ILE A 421 -12.67 10.90 -0.04
CA ILE A 421 -11.39 11.40 -0.50
C ILE A 421 -11.54 12.79 -1.08
N LYS A 422 -10.70 13.72 -0.63
CA LYS A 422 -10.70 15.10 -1.17
C LYS A 422 -9.24 15.51 -1.36
N PHE A 423 -8.98 16.18 -2.48
CA PHE A 423 -7.62 16.51 -2.88
C PHE A 423 -7.59 17.91 -3.49
N GLY A 424 -6.57 18.69 -3.13
CA GLY A 424 -6.42 20.02 -3.74
C GLY A 424 -5.32 20.80 -3.06
N PRO A 425 -5.19 22.08 -3.40
CA PRO A 425 -4.18 22.90 -2.75
C PRO A 425 -4.27 22.88 -1.24
N ILE A 426 -3.12 23.01 -0.61
CA ILE A 426 -3.10 23.12 0.85
C ILE A 426 -4.12 24.17 1.29
N GLY A 427 -4.90 23.80 2.31
CA GLY A 427 -5.93 24.68 2.88
C GLY A 427 -7.31 24.58 2.23
N SER A 428 -7.44 23.77 1.16
CA SER A 428 -8.67 23.77 0.38
C SER A 428 -9.65 22.63 0.68
N THR A 429 -9.20 21.54 1.29
CA THR A 429 -10.05 20.34 1.32
C THR A 429 -11.14 20.33 2.38
N GLY A 430 -11.10 21.27 3.32
CA GLY A 430 -12.14 21.35 4.35
C GLY A 430 -13.34 22.15 3.88
N ASN A 431 -13.29 22.70 2.68
CA ASN A 431 -14.38 23.47 2.11
C ASN A 431 -15.49 22.54 1.60
N PRO A 432 -16.69 23.09 1.33
CA PRO A 432 -17.82 22.22 1.00
C PRO A 432 -17.62 21.36 -0.24
N SER A 433 -17.96 20.08 -0.12
CA SER A 433 -17.97 19.18 -1.26
C SER A 433 -18.97 19.62 -2.33
N GLY A 434 -18.66 19.35 -3.59
CA GLY A 434 -19.49 19.81 -4.72
C GLY A 434 -20.32 18.68 -5.29
O1 XYP B . 1.74 -9.74 -1.12
C1 XYP B . 0.40 -10.12 -1.46
C2 XYP B . 0.49 -11.01 -2.70
C3 XYP B . -0.88 -11.45 -3.16
C4 XYP B . -1.57 -12.17 -2.00
C5 XYP B . -1.45 -11.39 -0.67
O2 XYP B . 1.11 -10.28 -3.77
O3 XYP B . -0.65 -12.32 -4.27
O4 XYP B . -2.98 -12.23 -2.24
O5 XYP B . -0.13 -10.92 -0.40
C1 XYP B . -3.43 -13.41 -2.87
C2 XYP B . -4.91 -13.56 -2.57
C3 XYP B . -5.45 -14.79 -3.30
C4 XYP B . -5.04 -14.77 -4.79
C5 XYP B . -3.57 -14.45 -5.00
O2 XYP B . -5.12 -13.67 -1.14
O3 XYP B . -6.88 -14.92 -3.21
O4 XYP B . -5.26 -16.07 -5.33
O5 XYP B . -3.20 -13.27 -4.28
C1 XYP B . -6.02 -16.06 -6.53
C2 XYP B . -5.66 -17.35 -7.27
C3 XYP B . -6.51 -17.47 -8.54
C4 XYP B . -7.98 -17.37 -8.16
C5 XYP B . -8.28 -16.09 -7.36
O2 XYP B . -4.25 -17.37 -7.56
O3 XYP B . -6.17 -18.72 -9.19
O4 XYP B . -8.77 -17.28 -9.34
O5 XYP B . -7.43 -16.02 -6.21
C1 XYP B . -9.57 -18.44 -9.59
C2 XYP B . -10.68 -18.04 -10.55
C3 XYP B . -11.53 -19.27 -10.87
C4 XYP B . -10.66 -20.39 -11.41
C5 XYP B . -9.51 -20.67 -10.45
O2 XYP B . -11.47 -17.02 -9.92
O3 XYP B . -12.57 -18.92 -11.80
O4 XYP B . -11.47 -21.56 -11.51
O5 XYP B . -8.78 -19.47 -10.20
C1 XLS C . 5.36 -0.30 3.45
C2 XLS C . 5.83 -1.17 2.32
C3 XLS C . 4.74 -1.56 1.32
C4 XLS C . 3.32 -1.74 1.88
C5 XLS C . 2.52 -0.46 2.08
O1 XLS C . 5.84 0.80 3.54
O2 XLS C . 6.84 -0.43 1.63
O3 XLS C . 5.23 -2.81 0.84
O4 XLS C . 2.57 -2.56 0.99
O5 XLS C . 1.35 -0.71 2.90
C1 XYP C . 1.85 -3.67 1.21
C2 XYP C . 0.71 -3.86 0.21
C3 XYP C . 0.04 -5.20 0.45
C4 XYP C . 1.05 -6.34 0.47
C5 XYP C . 2.27 -6.02 1.34
O2 XYP C . -0.29 -2.85 0.33
O3 XYP C . -0.90 -5.39 -0.59
O4 XYP C . 0.42 -7.50 1.04
O5 XYP C . 2.81 -4.72 1.05
CO CO D . 6.93 24.00 7.21
C1 NAG E . -0.91 13.32 23.03
C2 NAG E . -0.70 14.13 24.33
C3 NAG E . -1.93 14.95 24.67
C4 NAG E . -2.32 15.81 23.46
C5 NAG E . -2.56 14.90 22.26
C6 NAG E . -2.93 15.76 21.04
C7 NAG E . 0.77 12.87 25.78
C8 NAG E . 0.90 11.94 26.97
N2 NAG E . -0.46 13.22 25.46
O3 NAG E . -1.64 15.80 25.77
O4 NAG E . -3.50 16.52 23.75
O5 NAG E . -1.37 14.18 21.99
O6 NAG E . -1.83 16.60 20.71
O7 NAG E . 1.79 13.27 25.19
#